data_6F62
#
_entry.id   6F62
#
_cell.length_a   65.670
_cell.length_b   37.310
_cell.length_c   108.520
_cell.angle_alpha   90.00
_cell.angle_beta   106.66
_cell.angle_gamma   90.00
#
_symmetry.space_group_name_H-M   'I 1 2 1'
#
loop_
_entity.id
_entity.type
_entity.pdbx_description
1 polymer 'Synaptonemal complex protein 1'
2 non-polymer 'CHLORIDE ION'
3 non-polymer (4S)-2-METHYL-2,4-PENTANEDIOL
4 water water
#
_entity_poly.entity_id   1
_entity_poly.type   'polypeptide(L)'
_entity_poly.pdbx_seq_one_letter_code
;GSMGLSRVYSKLYKEAEKIKKWKVSTEAELRQKESKLQENRKIIEAQRKAIQELQFGNEKVSLKLEEGIQENKDLIKENN
ATRHLCNLLKETCARSAEKTKKYEYEREE
;
_entity_poly.pdbx_strand_id   A,B
#
# COMPACT_ATOMS: atom_id res chain seq x y z
N GLY A 4 -26.82 34.24 64.41
CA GLY A 4 -26.14 33.11 65.00
C GLY A 4 -26.47 31.81 64.30
N LEU A 5 -27.76 31.47 64.29
CA LEU A 5 -28.24 30.29 63.58
C LEU A 5 -28.53 30.56 62.12
N SER A 6 -28.82 31.82 61.75
CA SER A 6 -29.13 32.13 60.36
C SER A 6 -27.86 32.10 59.50
N ARG A 7 -26.74 32.58 60.04
CA ARG A 7 -25.49 32.53 59.30
C ARG A 7 -25.10 31.10 58.98
N VAL A 8 -25.39 30.17 59.90
CA VAL A 8 -25.06 28.77 59.68
C VAL A 8 -25.93 28.20 58.56
N TYR A 9 -27.23 28.49 58.60
CA TYR A 9 -28.12 28.00 57.55
C TYR A 9 -27.78 28.65 56.20
N SER A 10 -27.39 29.92 56.21
CA SER A 10 -27.00 30.58 54.96
C SER A 10 -25.80 29.88 54.34
N LYS A 11 -24.75 29.67 55.13
CA LYS A 11 -23.59 28.94 54.61
C LYS A 11 -23.97 27.53 54.20
N LEU A 12 -24.89 26.89 54.93
CA LEU A 12 -25.35 25.57 54.54
C LEU A 12 -26.03 25.61 53.18
N TYR A 13 -26.87 26.61 52.93
CA TYR A 13 -27.50 26.75 51.64
C TYR A 13 -26.46 26.94 50.53
N LYS A 14 -25.42 27.72 50.81
CA LYS A 14 -24.39 27.96 49.80
C LYS A 14 -23.69 26.66 49.42
N GLU A 15 -23.32 25.85 50.42
CA GLU A 15 -22.70 24.56 50.11
C GLU A 15 -23.63 23.71 49.25
N ALA A 16 -24.93 23.77 49.49
CA ALA A 16 -25.88 23.07 48.64
C ALA A 16 -25.78 23.58 47.21
N GLU A 17 -25.72 24.89 47.03
CA GLU A 17 -25.54 25.47 45.69
C GLU A 17 -24.29 24.92 45.02
N LYS A 18 -23.17 24.92 45.74
CA LYS A 18 -21.92 24.45 45.16
C LYS A 18 -22.02 22.99 44.75
N ILE A 19 -22.74 22.18 45.53
CA ILE A 19 -22.85 20.75 45.22
C ILE A 19 -23.67 20.55 43.95
N LYS A 20 -24.76 21.30 43.80
CA LYS A 20 -25.56 21.18 42.58
C LYS A 20 -24.75 21.54 41.36
N LYS A 21 -24.03 22.66 41.42
CA LYS A 21 -23.19 23.07 40.29
C LYS A 21 -22.17 22.00 39.95
N TRP A 22 -21.49 21.46 40.96
CA TRP A 22 -20.51 20.41 40.71
C TRP A 22 -21.16 19.18 40.09
N LYS A 23 -22.39 18.87 40.51
CA LYS A 23 -23.09 17.71 39.94
C LYS A 23 -23.44 17.97 38.48
N VAL A 24 -23.99 19.15 38.18
CA VAL A 24 -24.40 19.45 36.81
C VAL A 24 -23.19 19.47 35.88
N SER A 25 -22.06 20.00 36.37
CA SER A 25 -20.88 20.13 35.53
C SER A 25 -20.28 18.76 35.23
N THR A 26 -20.15 17.90 36.25
CA THR A 26 -19.53 16.60 36.04
C THR A 26 -20.41 15.70 35.19
N GLU A 27 -21.74 15.79 35.34
CA GLU A 27 -22.64 15.02 34.51
C GLU A 27 -22.50 15.42 33.05
N ALA A 28 -22.49 16.74 32.79
CA ALA A 28 -22.31 17.21 31.42
C ALA A 28 -21.00 16.71 30.84
N GLU A 29 -19.91 16.82 31.60
CA GLU A 29 -18.62 16.37 31.10
C GLU A 29 -18.62 14.88 30.79
N LEU A 30 -19.26 14.08 31.65
CA LEU A 30 -19.32 12.64 31.42
C LEU A 30 -20.05 12.31 30.11
N ARG A 31 -21.20 12.96 29.89
CA ARG A 31 -21.95 12.71 28.66
C ARG A 31 -21.17 13.17 27.45
N GLN A 32 -20.45 14.29 27.56
CA GLN A 32 -19.64 14.77 26.44
C GLN A 32 -18.55 13.77 26.10
N LYS A 33 -17.90 13.19 27.10
CA LYS A 33 -16.89 12.17 26.86
C LYS A 33 -17.51 10.93 26.21
N GLU A 34 -18.69 10.51 26.69
CA GLU A 34 -19.34 9.34 26.12
C GLU A 34 -19.69 9.56 24.66
N SER A 35 -20.18 10.75 24.32
CA SER A 35 -20.51 11.05 22.93
C SER A 35 -19.26 11.06 22.06
N LYS A 36 -18.13 11.51 22.61
CA LYS A 36 -16.89 11.51 21.84
C LYS A 36 -16.37 10.09 21.63
N LEU A 37 -16.54 9.21 22.61
CA LEU A 37 -16.17 7.82 22.45
C LEU A 37 -16.92 7.18 21.28
N GLN A 38 -18.23 7.39 21.22
CA GLN A 38 -19.03 6.79 20.17
C GLN A 38 -18.67 7.35 18.79
N GLU A 39 -18.31 8.63 18.73
CA GLU A 39 -17.84 9.20 17.47
C GLU A 39 -16.54 8.55 17.02
N ASN A 40 -15.58 8.42 17.94
CA ASN A 40 -14.27 7.90 17.57
C ASN A 40 -14.35 6.43 17.17
N ARG A 41 -15.29 5.68 17.73
CA ARG A 41 -15.43 4.28 17.34
C ARG A 41 -15.99 4.13 15.93
N LYS A 42 -16.87 5.06 15.51
CA LYS A 42 -17.31 5.07 14.12
C LYS A 42 -16.18 5.43 13.17
N ILE A 43 -15.32 6.37 13.58
CA ILE A 43 -14.19 6.75 12.75
C ILE A 43 -13.22 5.58 12.61
N ILE A 44 -12.94 4.88 13.70
CA ILE A 44 -12.00 3.77 13.66
C ILE A 44 -12.48 2.70 12.69
N GLU A 45 -13.79 2.41 12.68
CA GLU A 45 -14.30 1.38 11.78
C GLU A 45 -14.24 1.84 10.32
N ALA A 46 -14.50 3.12 10.07
CA ALA A 46 -14.38 3.63 8.72
C ALA A 46 -12.95 3.53 8.21
N GLN A 47 -11.98 3.89 9.05
CA GLN A 47 -10.58 3.81 8.65
C GLN A 47 -10.17 2.36 8.38
N ARG A 48 -10.67 1.42 9.17
CA ARG A 48 -10.33 0.01 8.94
C ARG A 48 -10.79 -0.44 7.56
N LYS A 49 -11.99 -0.04 7.16
CA LYS A 49 -12.50 -0.43 5.85
C LYS A 49 -11.72 0.25 4.73
N ALA A 50 -11.33 1.51 4.94
CA ALA A 50 -10.50 2.20 3.96
C ALA A 50 -9.16 1.48 3.78
N ILE A 51 -8.52 1.10 4.87
CA ILE A 51 -7.26 0.38 4.78
C ILE A 51 -7.45 -0.95 4.06
N GLN A 52 -8.55 -1.65 4.33
CA GLN A 52 -8.82 -2.94 3.71
C GLN A 52 -8.86 -2.80 2.18
N GLU A 53 -9.55 -1.78 1.68
CA GLU A 53 -9.65 -1.59 0.24
C GLU A 53 -8.31 -1.17 -0.35
N LEU A 54 -7.55 -0.35 0.37
CA LEU A 54 -6.25 0.08 -0.14
C LEU A 54 -5.28 -1.10 -0.24
N GLN A 55 -5.29 -2.00 0.75
CA GLN A 55 -4.46 -3.19 0.68
C GLN A 55 -4.86 -4.08 -0.49
N PHE A 56 -6.15 -4.13 -0.81
CA PHE A 56 -6.61 -4.92 -1.94
C PHE A 56 -6.14 -4.34 -3.26
N GLY A 57 -6.24 -3.02 -3.41
CA GLY A 57 -5.73 -2.38 -4.62
C GLY A 57 -4.24 -2.54 -4.80
N ASN A 58 -3.49 -2.38 -3.70
CA ASN A 58 -2.04 -2.55 -3.77
C ASN A 58 -1.68 -3.94 -4.29
N GLU A 59 -2.40 -4.98 -3.85
CA GLU A 59 -2.12 -6.33 -4.32
C GLU A 59 -2.34 -6.44 -5.82
N LYS A 60 -3.45 -5.89 -6.31
CA LYS A 60 -3.73 -5.93 -7.74
C LYS A 60 -2.57 -5.33 -8.54
N VAL A 61 -2.25 -4.07 -8.27
CA VAL A 61 -1.28 -3.37 -9.10
C VAL A 61 0.11 -3.97 -8.93
N SER A 62 0.44 -4.46 -7.73
CA SER A 62 1.74 -5.10 -7.53
C SER A 62 1.88 -6.35 -8.39
N LEU A 63 0.82 -7.15 -8.47
CA LEU A 63 0.84 -8.34 -9.31
C LEU A 63 1.06 -7.95 -10.77
N LYS A 64 0.33 -6.95 -11.27
CA LYS A 64 0.50 -6.51 -12.64
C LYS A 64 1.93 -6.04 -12.89
N LEU A 65 2.52 -5.33 -11.93
CA LEU A 65 3.90 -4.87 -12.09
C LEU A 65 4.86 -6.05 -12.22
N GLU A 66 4.71 -7.05 -11.35
CA GLU A 66 5.62 -8.19 -11.38
C GLU A 66 5.47 -8.98 -12.67
N GLU A 67 4.23 -9.14 -13.15
CA GLU A 67 4.03 -9.84 -14.42
C GLU A 67 4.71 -9.10 -15.57
N GLY A 68 4.60 -7.76 -15.58
CA GLY A 68 5.24 -7.00 -16.64
C GLY A 68 6.75 -7.08 -16.56
N ILE A 69 7.31 -6.99 -15.36
CA ILE A 69 8.77 -7.11 -15.21
C ILE A 69 9.26 -8.43 -15.80
N GLN A 70 8.58 -9.53 -15.45
CA GLN A 70 9.01 -10.83 -15.96
C GLN A 70 8.85 -10.90 -17.47
N GLU A 71 7.74 -10.39 -18.00
CA GLU A 71 7.54 -10.41 -19.46
C GLU A 71 8.65 -9.64 -20.17
N ASN A 72 9.06 -8.51 -19.62
CA ASN A 72 10.13 -7.72 -20.25
C ASN A 72 11.47 -8.44 -20.17
N LYS A 73 11.74 -9.12 -19.05
CA LYS A 73 12.96 -9.90 -18.94
C LYS A 73 13.01 -10.99 -20.01
N ASP A 74 11.86 -11.60 -20.32
CA ASP A 74 11.83 -12.63 -21.34
C ASP A 74 12.12 -12.04 -22.73
N LEU A 75 11.56 -10.87 -23.03
CA LEU A 75 11.78 -10.26 -24.32
C LEU A 75 13.26 -9.93 -24.53
N ILE A 76 13.94 -9.46 -23.49
CA ILE A 76 15.37 -9.21 -23.60
C ILE A 76 16.11 -10.52 -23.86
N LYS A 77 15.70 -11.59 -23.19
CA LYS A 77 16.34 -12.88 -23.40
C LYS A 77 16.14 -13.36 -24.83
N GLU A 78 14.91 -13.31 -25.34
CA GLU A 78 14.64 -13.77 -26.69
C GLU A 78 15.42 -12.95 -27.72
N ASN A 79 15.51 -11.63 -27.52
CA ASN A 79 16.21 -10.79 -28.48
C ASN A 79 17.69 -11.14 -28.52
N ASN A 80 18.31 -11.32 -27.34
CA ASN A 80 19.71 -11.72 -27.31
C ASN A 80 19.92 -13.04 -28.06
N ALA A 81 18.99 -13.98 -27.91
CA ALA A 81 19.13 -15.28 -28.56
C ALA A 81 19.02 -15.15 -30.08
N THR A 82 18.09 -14.33 -30.55
CA THR A 82 17.95 -14.15 -31.99
C THR A 82 19.16 -13.43 -32.59
N ARG A 83 19.73 -12.47 -31.84
CA ARG A 83 20.97 -11.85 -32.28
C ARG A 83 22.08 -12.87 -32.44
N HIS A 84 22.20 -13.80 -31.47
CA HIS A 84 23.20 -14.85 -31.58
C HIS A 84 22.97 -15.71 -32.81
N LEU A 85 21.72 -16.08 -33.07
CA LEU A 85 21.42 -16.87 -34.26
C LEU A 85 21.78 -16.11 -35.53
N CYS A 86 21.53 -14.79 -35.54
CA CYS A 86 21.93 -13.99 -36.70
C CYS A 86 23.43 -14.10 -36.96
N ASN A 87 24.24 -14.03 -35.91
CA ASN A 87 25.68 -14.11 -36.09
C ASN A 87 26.11 -15.47 -36.62
N LEU A 88 25.45 -16.54 -36.17
CA LEU A 88 25.76 -17.86 -36.70
C LEU A 88 25.43 -17.95 -38.19
N LEU A 89 24.26 -17.45 -38.58
CA LEU A 89 23.88 -17.48 -39.99
C LEU A 89 24.87 -16.70 -40.85
N LYS A 90 25.42 -15.61 -40.32
CA LYS A 90 26.43 -14.86 -41.07
C LYS A 90 27.68 -15.69 -41.30
N GLU A 91 28.09 -16.47 -40.30
CA GLU A 91 29.23 -17.36 -40.47
C GLU A 91 28.97 -18.37 -41.58
N THR A 92 27.77 -18.96 -41.59
CA THR A 92 27.42 -19.92 -42.63
C THR A 92 27.46 -19.28 -44.01
N CYS A 93 26.90 -18.06 -44.13
CA CYS A 93 26.97 -17.35 -45.40
C CYS A 93 28.40 -17.17 -45.87
N ALA A 94 29.30 -16.81 -44.95
CA ALA A 94 30.67 -16.52 -45.32
C ALA A 94 31.34 -17.74 -45.95
N ARG A 95 31.22 -18.90 -45.30
CA ARG A 95 31.85 -20.11 -45.85
C ARG A 95 31.21 -20.51 -47.17
N SER A 96 29.88 -20.48 -47.24
CA SER A 96 29.20 -20.81 -48.48
C SER A 96 29.62 -19.89 -49.61
N ALA A 97 29.59 -18.57 -49.37
CA ALA A 97 29.96 -17.62 -50.41
C ALA A 97 31.38 -17.85 -50.91
N GLU A 98 32.29 -18.21 -49.99
CA GLU A 98 33.67 -18.46 -50.39
C GLU A 98 33.75 -19.62 -51.37
N LYS A 99 33.05 -20.72 -51.07
CA LYS A 99 33.03 -21.85 -51.99
C LYS A 99 32.40 -21.49 -53.32
N THR A 100 31.29 -20.74 -53.29
CA THR A 100 30.62 -20.35 -54.53
C THR A 100 31.57 -19.57 -55.44
N LYS A 101 32.34 -18.64 -54.86
CA LYS A 101 33.28 -17.87 -55.67
C LYS A 101 34.33 -18.78 -56.29
N LYS A 102 34.84 -19.75 -55.53
CA LYS A 102 35.82 -20.69 -56.07
C LYS A 102 35.25 -21.41 -57.29
N TYR A 103 34.06 -21.97 -57.16
CA TYR A 103 33.47 -22.73 -58.26
C TYR A 103 33.24 -21.85 -59.48
N GLU A 104 32.73 -20.63 -59.26
CA GLU A 104 32.52 -19.71 -60.39
C GLU A 104 33.82 -19.46 -61.14
N TYR A 105 34.90 -19.16 -60.41
CA TYR A 105 36.17 -18.88 -61.07
C TYR A 105 36.73 -20.12 -61.77
N GLU A 106 36.60 -21.28 -61.15
CA GLU A 106 37.23 -22.49 -61.69
C GLU A 106 36.56 -22.92 -63.00
N ARG A 107 35.22 -22.87 -63.06
CA ARG A 107 34.53 -23.33 -64.26
C ARG A 107 34.82 -22.44 -65.46
N GLU A 108 35.21 -21.19 -65.25
CA GLU A 108 35.53 -20.29 -66.36
C GLU A 108 36.82 -20.74 -67.04
N GLY B 4 -29.34 11.16 70.94
CA GLY B 4 -29.99 12.38 70.52
C GLY B 4 -29.01 13.38 69.93
N LEU B 5 -28.01 13.75 70.73
CA LEU B 5 -26.98 14.66 70.25
C LEU B 5 -25.90 13.91 69.48
N SER B 6 -25.56 12.69 69.91
CA SER B 6 -24.68 11.84 69.12
C SER B 6 -25.34 11.43 67.82
N ARG B 7 -26.67 11.33 67.79
CA ARG B 7 -27.37 11.14 66.53
C ARG B 7 -27.02 12.24 65.54
N VAL B 8 -27.10 13.50 65.99
CA VAL B 8 -26.73 14.62 65.14
C VAL B 8 -25.31 14.44 64.61
N TYR B 9 -24.36 14.19 65.51
CA TYR B 9 -22.98 13.98 65.11
C TYR B 9 -22.87 12.85 64.10
N SER B 10 -23.58 11.74 64.33
CA SER B 10 -23.45 10.57 63.47
C SER B 10 -24.02 10.84 62.09
N LYS B 11 -25.20 11.47 62.01
CA LYS B 11 -25.82 11.71 60.71
C LYS B 11 -25.00 12.71 59.89
N LEU B 12 -24.49 13.76 60.53
CA LEU B 12 -23.63 14.71 59.82
C LEU B 12 -22.37 14.01 59.30
N TYR B 13 -21.81 13.10 60.10
CA TYR B 13 -20.60 12.39 59.70
C TYR B 13 -20.87 11.50 58.50
N LYS B 14 -21.96 10.75 58.54
CA LYS B 14 -22.27 9.82 57.44
C LYS B 14 -22.61 10.57 56.17
N GLU B 15 -23.32 11.69 56.27
CA GLU B 15 -23.67 12.46 55.08
C GLU B 15 -22.42 12.98 54.38
N ALA B 16 -21.52 13.61 55.15
CA ALA B 16 -20.27 14.10 54.57
C ALA B 16 -19.46 12.96 53.96
N GLU B 17 -19.50 11.78 54.58
CA GLU B 17 -18.77 10.63 54.03
C GLU B 17 -19.37 10.19 52.71
N LYS B 18 -20.71 10.17 52.63
CA LYS B 18 -21.36 9.79 51.39
C LYS B 18 -21.04 10.78 50.26
N ILE B 19 -20.98 12.06 50.59
CA ILE B 19 -20.66 13.07 49.58
C ILE B 19 -19.25 12.86 49.05
N LYS B 20 -18.29 12.60 49.95
CA LYS B 20 -16.92 12.38 49.51
C LYS B 20 -16.81 11.14 48.63
N LYS B 21 -17.44 10.04 49.06
CA LYS B 21 -17.49 8.84 48.22
C LYS B 21 -18.02 9.20 46.83
N TRP B 22 -19.14 9.92 46.77
CA TRP B 22 -19.74 10.27 45.49
C TRP B 22 -18.78 11.10 44.63
N LYS B 23 -18.02 11.99 45.26
CA LYS B 23 -17.05 12.78 44.51
C LYS B 23 -15.95 11.90 43.93
N VAL B 24 -15.43 10.97 44.72
CA VAL B 24 -14.35 10.11 44.26
C VAL B 24 -14.82 9.26 43.08
N SER B 25 -16.00 8.65 43.20
CA SER B 25 -16.51 7.80 42.14
C SER B 25 -16.64 8.56 40.83
N THR B 26 -17.17 9.79 40.89
CA THR B 26 -17.36 10.57 39.68
C THR B 26 -16.02 10.89 39.01
N GLU B 27 -15.05 11.34 39.80
CA GLU B 27 -13.73 11.65 39.24
C GLU B 27 -13.06 10.41 38.69
N ALA B 28 -13.28 9.25 39.30
CA ALA B 28 -12.73 8.01 38.78
C ALA B 28 -13.30 7.69 37.40
N GLU B 29 -14.62 7.80 37.26
CA GLU B 29 -15.27 7.51 35.98
C GLU B 29 -14.80 8.48 34.91
N LEU B 30 -14.57 9.74 35.28
CA LEU B 30 -14.07 10.72 34.32
C LEU B 30 -12.68 10.32 33.82
N ARG B 31 -11.78 9.97 34.74
CA ARG B 31 -10.43 9.58 34.33
C ARG B 31 -10.45 8.29 33.51
N GLN B 32 -11.40 7.40 33.77
CA GLN B 32 -11.51 6.17 33.00
C GLN B 32 -11.88 6.47 31.55
N LYS B 33 -12.92 7.29 31.35
CA LYS B 33 -13.32 7.65 29.99
C LYS B 33 -12.24 8.44 29.29
N GLU B 34 -11.48 9.27 30.03
CA GLU B 34 -10.41 10.03 29.42
C GLU B 34 -9.30 9.12 28.90
N SER B 35 -8.97 8.07 29.65
CA SER B 35 -7.95 7.14 29.17
C SER B 35 -8.43 6.39 27.93
N LYS B 36 -9.73 6.09 27.87
CA LYS B 36 -10.29 5.47 26.67
C LYS B 36 -10.17 6.41 25.46
N LEU B 37 -10.40 7.71 25.68
CA LEU B 37 -10.27 8.67 24.60
C LEU B 37 -8.83 8.78 24.12
N GLN B 38 -7.87 8.69 25.04
CA GLN B 38 -6.47 8.76 24.66
C GLN B 38 -6.09 7.56 23.79
N GLU B 39 -6.46 6.36 24.23
CA GLU B 39 -6.20 5.17 23.43
C GLU B 39 -6.80 5.31 22.03
N ASN B 40 -8.04 5.79 21.94
CA ASN B 40 -8.68 5.96 20.65
C ASN B 40 -7.89 6.92 19.76
N ARG B 41 -7.48 8.06 20.32
CA ARG B 41 -6.76 9.05 19.52
C ARG B 41 -5.44 8.49 19.01
N LYS B 42 -4.81 7.57 19.76
CA LYS B 42 -3.57 6.96 19.29
C LYS B 42 -3.85 5.98 18.15
N ILE B 43 -4.93 5.21 18.25
CA ILE B 43 -5.30 4.30 17.17
C ILE B 43 -5.65 5.09 15.91
N ILE B 44 -6.45 6.15 16.06
CA ILE B 44 -6.90 6.91 14.90
C ILE B 44 -5.71 7.52 14.18
N GLU B 45 -4.72 8.01 14.94
CA GLU B 45 -3.53 8.59 14.31
C GLU B 45 -2.74 7.53 13.56
N ALA B 46 -2.53 6.37 14.20
CA ALA B 46 -1.78 5.30 13.55
C ALA B 46 -2.44 4.86 12.25
N GLN B 47 -3.77 4.78 12.24
CA GLN B 47 -4.47 4.36 11.03
C GLN B 47 -4.41 5.44 9.95
N ARG B 48 -4.46 6.71 10.35
CA ARG B 48 -4.28 7.80 9.39
C ARG B 48 -2.93 7.70 8.70
N LYS B 49 -1.87 7.42 9.45
CA LYS B 49 -0.55 7.25 8.86
C LYS B 49 -0.54 6.09 7.88
N ALA B 50 -1.08 4.94 8.30
CA ALA B 50 -1.11 3.77 7.41
C ALA B 50 -1.85 4.07 6.12
N ILE B 51 -2.93 4.86 6.20
CA ILE B 51 -3.68 5.22 5.00
C ILE B 51 -2.81 6.06 4.06
N GLN B 52 -2.10 7.04 4.62
CA GLN B 52 -1.23 7.88 3.79
C GLN B 52 -0.17 7.03 3.08
N GLU B 53 0.48 6.13 3.82
CA GLU B 53 1.55 5.32 3.23
C GLU B 53 1.01 4.37 2.18
N LEU B 54 -0.21 3.84 2.38
CA LEU B 54 -0.79 2.98 1.36
C LEU B 54 -1.11 3.75 0.10
N GLN B 55 -1.68 4.95 0.22
CA GLN B 55 -1.93 5.79 -0.94
C GLN B 55 -0.63 6.12 -1.67
N PHE B 56 0.41 6.47 -0.92
CA PHE B 56 1.69 6.80 -1.55
C PHE B 56 2.29 5.58 -2.23
N GLY B 57 2.18 4.41 -1.60
CA GLY B 57 2.70 3.20 -2.22
C GLY B 57 1.96 2.82 -3.48
N ASN B 58 0.62 2.93 -3.47
CA ASN B 58 -0.15 2.67 -4.67
C ASN B 58 0.32 3.55 -5.82
N GLU B 59 0.58 4.83 -5.53
CA GLU B 59 1.01 5.75 -6.57
C GLU B 59 2.34 5.31 -7.19
N LYS B 60 3.31 4.97 -6.36
CA LYS B 60 4.62 4.55 -6.85
C LYS B 60 4.49 3.32 -7.75
N VAL B 61 3.76 2.30 -7.29
CA VAL B 61 3.65 1.07 -8.07
C VAL B 61 2.97 1.34 -9.40
N SER B 62 1.96 2.23 -9.41
CA SER B 62 1.30 2.57 -10.66
C SER B 62 2.28 3.21 -11.64
N LEU B 63 3.12 4.12 -11.15
CA LEU B 63 4.08 4.79 -12.03
CA LEU B 63 4.08 4.79 -12.03
C LEU B 63 5.06 3.78 -12.62
N LYS B 64 5.60 2.88 -11.79
CA LYS B 64 6.52 1.88 -12.30
C LYS B 64 5.83 0.96 -13.30
N LEU B 65 4.53 0.70 -13.11
CA LEU B 65 3.79 -0.11 -14.06
C LEU B 65 3.70 0.60 -15.42
N GLU B 66 3.50 1.91 -15.41
CA GLU B 66 3.47 2.67 -16.67
C GLU B 66 4.82 2.62 -17.37
N GLU B 67 5.91 2.74 -16.62
CA GLU B 67 7.24 2.66 -17.23
C GLU B 67 7.45 1.31 -17.87
N GLY B 68 7.05 0.24 -17.20
CA GLY B 68 7.24 -1.10 -17.75
C GLY B 68 6.45 -1.32 -19.03
N ILE B 69 5.21 -0.84 -19.07
CA ILE B 69 4.39 -0.96 -20.28
C ILE B 69 5.10 -0.31 -21.46
N GLN B 70 5.71 0.85 -21.23
CA GLN B 70 6.41 1.53 -22.31
C GLN B 70 7.66 0.76 -22.73
N GLU B 71 8.42 0.25 -21.76
CA GLU B 71 9.57 -0.57 -22.07
C GLU B 71 9.16 -1.80 -22.87
N ASN B 72 8.02 -2.40 -22.52
CA ASN B 72 7.54 -3.57 -23.25
C ASN B 72 7.30 -3.25 -24.72
N LYS B 73 6.74 -2.07 -25.01
CA LYS B 73 6.52 -1.68 -26.39
C LYS B 73 7.82 -1.59 -27.16
N ASP B 74 8.82 -0.90 -26.59
CA ASP B 74 10.10 -0.76 -27.27
C ASP B 74 10.76 -2.11 -27.49
N LEU B 75 10.64 -3.03 -26.53
CA LEU B 75 11.24 -4.35 -26.68
C LEU B 75 10.56 -5.14 -27.79
N ILE B 76 9.25 -5.00 -27.94
CA ILE B 76 8.56 -5.68 -29.02
C ILE B 76 9.06 -5.18 -30.38
N LYS B 77 9.20 -3.86 -30.52
CA LYS B 77 9.74 -3.32 -31.76
C LYS B 77 11.14 -3.88 -32.04
N GLU B 78 11.97 -3.97 -31.01
CA GLU B 78 13.33 -4.47 -31.22
C GLU B 78 13.32 -5.92 -31.64
N ASN B 79 12.50 -6.75 -30.98
CA ASN B 79 12.44 -8.17 -31.36
C ASN B 79 11.92 -8.34 -32.78
N ASN B 80 10.95 -7.50 -33.18
CA ASN B 80 10.43 -7.58 -34.54
C ASN B 80 11.52 -7.33 -35.57
N ALA B 81 12.33 -6.29 -35.34
CA ALA B 81 13.39 -5.96 -36.29
C ALA B 81 14.44 -7.06 -36.35
N THR B 82 14.77 -7.67 -35.20
CA THR B 82 15.78 -8.72 -35.18
C THR B 82 15.26 -9.98 -35.88
N ARG B 83 13.96 -10.27 -35.73
CA ARG B 83 13.37 -11.41 -36.44
C ARG B 83 13.45 -11.22 -37.95
N HIS B 84 13.10 -10.02 -38.42
CA HIS B 84 13.12 -9.75 -39.86
C HIS B 84 14.52 -9.96 -40.42
N LEU B 85 15.53 -9.42 -39.75
CA LEU B 85 16.92 -9.62 -40.20
C LEU B 85 17.27 -11.11 -40.19
N CYS B 86 16.84 -11.83 -39.14
CA CYS B 86 17.13 -13.25 -39.06
C CYS B 86 16.54 -14.01 -40.24
N ASN B 87 15.29 -13.69 -40.61
CA ASN B 87 14.65 -14.37 -41.73
C ASN B 87 15.38 -14.10 -43.04
N LEU B 88 15.80 -12.84 -43.27
CA LEU B 88 16.59 -12.53 -44.45
C LEU B 88 17.85 -13.39 -44.52
N LEU B 89 18.55 -13.51 -43.40
CA LEU B 89 19.78 -14.30 -43.39
C LEU B 89 19.48 -15.78 -43.66
N LYS B 90 18.36 -16.29 -43.14
CA LYS B 90 17.99 -17.66 -43.40
C LYS B 90 17.77 -17.91 -44.89
N GLU B 91 17.11 -16.97 -45.57
CA GLU B 91 16.88 -17.14 -47.01
C GLU B 91 18.20 -17.15 -47.77
N THR B 92 19.10 -16.23 -47.45
CA THR B 92 20.40 -16.19 -48.10
C THR B 92 21.15 -17.50 -47.90
N CYS B 93 21.08 -18.06 -46.69
CA CYS B 93 21.78 -19.31 -46.42
C CYS B 93 21.22 -20.45 -47.25
N ALA B 94 19.90 -20.64 -47.22
CA ALA B 94 19.28 -21.73 -47.97
C ALA B 94 19.59 -21.61 -49.46
N ARG B 95 19.39 -20.43 -50.02
CA ARG B 95 19.65 -20.23 -51.45
C ARG B 95 21.12 -20.50 -51.77
N SER B 96 22.03 -20.04 -50.91
CA SER B 96 23.45 -20.25 -51.17
C SER B 96 23.84 -21.71 -51.02
N ALA B 97 23.17 -22.44 -50.13
CA ALA B 97 23.52 -23.85 -49.92
C ALA B 97 23.07 -24.71 -51.09
N GLU B 98 21.90 -24.41 -51.67
CA GLU B 98 21.44 -25.19 -52.82
C GLU B 98 22.30 -24.89 -54.04
N LYS B 99 22.75 -23.65 -54.20
CA LYS B 99 23.67 -23.31 -55.28
C LYS B 99 24.96 -24.13 -55.16
N THR B 100 25.55 -24.16 -53.97
CA THR B 100 26.77 -24.93 -53.76
C THR B 100 26.55 -26.39 -54.12
N LYS B 101 25.43 -26.98 -53.70
CA LYS B 101 25.16 -28.38 -53.99
C LYS B 101 25.10 -28.63 -55.49
N LYS B 102 24.51 -27.69 -56.24
CA LYS B 102 24.45 -27.83 -57.69
C LYS B 102 25.84 -27.80 -58.31
N TYR B 103 26.65 -26.79 -57.94
CA TYR B 103 27.99 -26.70 -58.48
C TYR B 103 28.80 -27.96 -58.20
N GLU B 104 28.62 -28.56 -57.02
CA GLU B 104 29.39 -29.74 -56.66
C GLU B 104 28.94 -30.96 -57.46
N TYR B 105 27.65 -31.07 -57.76
CA TYR B 105 27.17 -32.14 -58.63
C TYR B 105 27.79 -32.03 -60.02
N GLU B 106 27.82 -30.81 -60.58
CA GLU B 106 28.33 -30.64 -61.93
C GLU B 106 29.79 -31.04 -62.04
N ARG B 107 30.60 -30.67 -61.07
CA ARG B 107 32.02 -31.01 -61.08
C ARG B 107 32.26 -32.36 -60.42
#